data_5U3X
#
_entry.id   5U3X
#
_cell.length_a   39.100
_cell.length_b   92.940
_cell.length_c   96.160
_cell.angle_alpha   90.00
_cell.angle_beta   98.03
_cell.angle_gamma   90.00
#
_symmetry.space_group_name_H-M   'P 1 21 1'
#
loop_
_entity.id
_entity.type
_entity.pdbx_description
1 polymer 'Peroxisome proliferator-activated receptor delta'
2 non-polymer '6-[2-({cyclopropyl[4-(pyridin-3-yl)benzene-1-carbonyl]amino}methyl)phenoxy]hexanoic acid'
3 non-polymer 'heptyl beta-D-glucopyranoside'
4 non-polymer S-1,2-PROPANEDIOL
5 non-polymer DI(HYDROXYETHYL)ETHER
6 water water
#
_entity_poly.entity_id   1
_entity_poly.type   'polypeptide(L)'
_entity_poly.pdbx_seq_one_letter_code
;PQVADLKAFSKHIYNAYLKNFNMTKKKARSILTGKASHTAPFVIHDIETLWQAEKGLVWKQLVNGLPPYKEISVHVFYRC
QCTTVETVRELTEFAKSIPSFSSLFLNDQVTLLKYGVHEAIFAMLASIVNKDGLLVANGSGFVTREFLRSLRKPFSDIIE
PKFEFAVKFNALELDDSDLALFIAAIILCGDRPGLMNVPRVEAIQDTILRALEFHLQANHPDAQYLFPKLLQKMADLRQL
VTEHAQMMQRIKKTETETSLHPLLQEIYKDMY
;
_entity_poly.pdbx_strand_id   A,B
#
# COMPACT_ATOMS: atom_id res chain seq x y z
N ALA A 4 28.28 5.71 -10.57
CA ALA A 4 28.36 7.09 -11.04
C ALA A 4 27.03 7.81 -10.80
N ASP A 5 25.92 7.12 -11.09
CA ASP A 5 24.58 7.67 -10.90
C ASP A 5 24.15 7.65 -9.42
N LEU A 6 24.86 6.92 -8.57
CA LEU A 6 24.52 6.86 -7.16
C LEU A 6 24.38 8.24 -6.54
N LYS A 7 25.13 9.23 -7.01
CA LYS A 7 24.96 10.56 -6.42
C LYS A 7 23.59 11.14 -6.73
N ALA A 8 23.02 10.83 -7.91
CA ALA A 8 21.68 11.34 -8.24
C ALA A 8 20.58 10.55 -7.55
N PHE A 9 20.70 9.22 -7.56
CA PHE A 9 19.74 8.38 -6.86
C PHE A 9 19.69 8.74 -5.39
N SER A 10 20.86 9.00 -4.80
CA SER A 10 20.93 9.37 -3.39
C SER A 10 20.41 10.79 -3.14
N LYS A 11 20.53 11.68 -4.12
CA LYS A 11 19.99 13.03 -3.94
C LYS A 11 18.47 13.02 -3.96
N HIS A 12 17.87 12.19 -4.81
CA HIS A 12 16.42 12.07 -4.80
C HIS A 12 15.91 11.50 -3.46
N ILE A 13 16.63 10.56 -2.86
CA ILE A 13 16.28 10.04 -1.52
C ILE A 13 16.36 11.15 -0.47
N TYR A 14 17.43 11.95 -0.50
CA TYR A 14 17.49 13.09 0.41
C TYR A 14 16.28 14.00 0.23
N ASN A 15 15.90 14.29 -1.01
CA ASN A 15 14.78 15.20 -1.21
C ASN A 15 13.51 14.58 -0.64
N ALA A 16 13.30 13.29 -0.88
CA ALA A 16 12.15 12.58 -0.33
C ALA A 16 12.13 12.67 1.18
N TYR A 17 13.31 12.59 1.80
CA TYR A 17 13.44 12.76 3.23
C TYR A 17 13.02 14.16 3.67
N LEU A 18 13.53 15.21 2.99
CA LEU A 18 13.27 16.58 3.42
C LEU A 18 11.83 17.00 3.16
N LYS A 19 11.18 16.38 2.18
CA LYS A 19 9.82 16.75 1.84
C LYS A 19 8.79 16.09 2.75
N ASN A 20 9.12 14.99 3.43
CA ASN A 20 8.10 14.19 4.08
C ASN A 20 8.22 14.09 5.60
N PHE A 21 9.38 14.36 6.18
CA PHE A 21 9.52 14.16 7.61
C PHE A 21 9.32 15.47 8.37
N ASN A 22 8.59 15.36 9.49
CA ASN A 22 8.12 16.54 10.23
C ASN A 22 9.29 17.35 10.75
N MET A 23 10.25 16.69 11.39
CA MET A 23 11.44 17.36 11.88
C MET A 23 12.68 16.58 11.47
N THR A 24 13.69 17.33 11.00
CA THR A 24 15.04 16.87 10.71
C THR A 24 15.87 16.80 11.99
N LYS A 25 16.90 15.97 11.93
CA LYS A 25 17.93 16.01 12.97
C LYS A 25 18.51 17.41 13.12
N LYS A 26 18.75 18.10 11.99
CA LYS A 26 19.27 19.46 12.09
C LYS A 26 18.39 20.32 13.00
N LYS A 27 17.10 20.42 12.66
CA LYS A 27 16.24 21.25 13.49
C LYS A 27 16.18 20.73 14.93
N ALA A 28 16.19 19.40 15.11
CA ALA A 28 16.10 18.81 16.44
C ALA A 28 17.29 19.20 17.30
N ARG A 29 18.50 19.08 16.77
CA ARG A 29 19.68 19.38 17.58
C ARG A 29 19.79 20.86 17.91
N SER A 30 19.33 21.74 17.02
CA SER A 30 19.37 23.16 17.36
C SER A 30 18.39 23.50 18.49
N ILE A 31 17.23 22.84 18.54
CA ILE A 31 16.34 23.02 19.68
C ILE A 31 16.98 22.43 20.94
N LEU A 32 17.35 21.15 20.91
CA LEU A 32 17.95 20.52 22.08
C LEU A 32 19.11 21.35 22.65
N THR A 33 19.82 22.11 21.80
CA THR A 33 20.97 22.89 22.23
C THR A 33 20.68 24.38 22.37
N GLY A 34 19.44 24.81 22.15
CA GLY A 34 19.09 26.21 22.32
C GLY A 34 19.69 27.16 21.30
N LYS A 35 19.58 26.83 20.02
CA LYS A 35 20.10 27.67 18.96
C LYS A 35 19.09 27.93 17.85
N ALA A 36 17.85 27.47 18.02
CA ALA A 36 16.82 27.64 16.99
C ALA A 36 15.87 28.80 17.30
N SER A 37 15.59 29.05 18.57
CA SER A 37 14.62 30.05 18.94
C SER A 37 15.03 30.70 20.25
N HIS A 38 14.39 31.80 20.57
CA HIS A 38 14.52 32.39 21.89
C HIS A 38 13.43 31.89 22.84
N THR A 39 12.52 31.05 22.35
CA THR A 39 11.63 30.28 23.19
C THR A 39 12.14 28.85 23.26
N ALA A 40 12.15 28.27 24.45
CA ALA A 40 12.67 26.93 24.67
C ALA A 40 11.53 25.94 24.91
N PRO A 41 11.78 24.65 24.67
CA PRO A 41 10.73 23.65 24.91
C PRO A 41 10.33 23.63 26.37
N PHE A 42 9.02 23.46 26.59
CA PHE A 42 8.47 23.26 27.93
C PHE A 42 8.85 21.89 28.45
N VAL A 43 9.51 21.84 29.62
CA VAL A 43 10.01 20.59 30.18
C VAL A 43 8.89 19.86 30.91
N ILE A 44 8.62 18.62 30.50
CA ILE A 44 7.66 17.76 31.18
C ILE A 44 8.45 16.77 32.03
N HIS A 45 8.30 16.84 33.36
CA HIS A 45 9.04 15.90 34.19
C HIS A 45 8.22 15.26 35.30
N ASP A 46 6.92 15.49 35.36
CA ASP A 46 6.06 14.86 36.34
C ASP A 46 4.61 15.03 35.89
N ILE A 47 3.68 14.65 36.75
CA ILE A 47 2.26 14.71 36.42
C ILE A 47 1.81 16.15 36.22
N GLU A 48 2.29 17.08 37.05
CA GLU A 48 1.82 18.45 36.99
C GLU A 48 2.26 19.13 35.69
N THR A 49 3.55 19.07 35.36
CA THR A 49 4.01 19.57 34.07
C THR A 49 3.36 18.83 32.90
N LEU A 50 3.16 17.52 33.03
CA LEU A 50 2.42 16.83 31.99
C LEU A 50 1.02 17.43 31.82
N TRP A 51 0.33 17.71 32.94
CA TRP A 51 -1.02 18.27 32.85
C TRP A 51 -0.98 19.67 32.22
N GLN A 52 -0.06 20.53 32.65
CA GLN A 52 0.05 21.85 32.02
C GLN A 52 0.36 21.74 30.53
N ALA A 53 1.19 20.76 30.13
CA ALA A 53 1.49 20.66 28.71
C ALA A 53 0.23 20.31 27.92
N GLU A 54 -0.55 19.35 28.41
CA GLU A 54 -1.79 18.96 27.72
C GLU A 54 -2.80 20.11 27.74
N LYS A 55 -2.87 20.87 28.85
CA LYS A 55 -3.88 21.91 28.99
C LYS A 55 -3.78 22.96 27.89
N GLY A 56 -2.57 23.21 27.39
N GLY A 56 -2.58 23.20 27.36
CA GLY A 56 -2.42 24.12 26.27
CA GLY A 56 -2.46 24.09 26.23
C GLY A 56 -1.00 24.61 26.10
C GLY A 56 -1.06 24.63 26.06
N LEU A 57 -0.20 24.49 27.16
N LEU A 57 -0.24 24.50 27.09
CA LEU A 57 1.17 24.97 27.10
CA LEU A 57 1.14 24.95 27.00
C LEU A 57 1.90 24.41 25.90
C LEU A 57 1.82 24.34 25.78
N VAL A 58 1.74 23.11 25.64
N VAL A 58 1.52 23.08 25.47
CA VAL A 58 2.37 22.43 24.51
CA VAL A 58 2.10 22.35 24.35
C VAL A 58 1.34 22.03 23.46
C VAL A 58 1.04 21.87 23.38
N TRP A 59 0.36 21.20 23.85
N TRP A 59 -0.02 21.27 23.89
CA TRP A 59 -0.68 20.77 22.92
CA TRP A 59 -1.10 20.74 23.05
C TRP A 59 -1.89 21.70 22.98
C TRP A 59 -2.46 20.84 23.74
N GLY A 65 -9.54 13.48 21.47
CA GLY A 65 -8.24 13.30 20.84
C GLY A 65 -7.73 11.87 20.82
N LEU A 66 -7.67 11.25 22.00
CA LEU A 66 -7.17 9.89 22.14
C LEU A 66 -8.24 9.02 22.78
N PRO A 67 -7.97 7.74 23.03
CA PRO A 67 -8.93 6.90 23.73
C PRO A 67 -9.24 7.45 25.10
N PRO A 68 -10.31 7.00 25.75
CA PRO A 68 -10.66 7.52 27.07
C PRO A 68 -9.52 7.37 28.06
N TYR A 69 -9.50 8.26 29.06
CA TYR A 69 -8.45 8.29 30.07
C TYR A 69 -8.48 7.02 30.93
N LYS A 70 -7.31 6.70 31.51
CA LYS A 70 -7.18 5.55 32.39
C LYS A 70 -6.20 5.82 33.53
N GLU A 71 -5.03 6.37 33.24
CA GLU A 71 -3.96 6.61 34.22
C GLU A 71 -2.79 7.22 33.45
N ILE A 72 -1.73 7.62 34.17
CA ILE A 72 -0.69 8.44 33.57
C ILE A 72 0.24 7.60 32.68
N SER A 73 0.70 6.45 33.20
CA SER A 73 1.49 5.54 32.39
C SER A 73 0.80 5.25 31.06
N VAL A 74 -0.46 4.82 31.12
CA VAL A 74 -1.21 4.54 29.91
C VAL A 74 -1.35 5.79 29.08
N HIS A 75 -1.59 6.93 29.72
CA HIS A 75 -1.74 8.14 28.94
C HIS A 75 -0.51 8.40 28.08
N VAL A 76 0.68 8.24 28.68
CA VAL A 76 1.93 8.48 27.97
C VAL A 76 2.10 7.44 26.88
N PHE A 77 1.59 6.23 27.13
CA PHE A 77 1.65 5.17 26.14
C PHE A 77 0.82 5.50 24.90
N TYR A 78 -0.30 6.19 25.09
CA TYR A 78 -1.13 6.59 23.96
C TYR A 78 -0.48 7.72 23.16
N ARG A 79 0.25 8.62 23.84
CA ARG A 79 1.02 9.65 23.14
C ARG A 79 2.16 9.04 22.32
N CYS A 80 2.75 7.94 22.81
CA CYS A 80 3.78 7.21 22.03
C CYS A 80 3.16 6.57 20.80
N GLN A 81 2.02 5.90 20.96
CA GLN A 81 1.29 5.39 19.80
C GLN A 81 0.98 6.47 18.77
N CYS A 82 0.42 7.61 19.23
CA CYS A 82 0.07 8.67 18.28
CA CYS A 82 0.07 8.70 18.31
C CYS A 82 1.27 9.12 17.48
N THR A 83 2.42 9.26 18.12
CA THR A 83 3.65 9.64 17.44
C THR A 83 4.15 8.52 16.51
N THR A 84 3.99 7.25 16.89
CA THR A 84 4.46 6.19 15.99
C THR A 84 3.56 6.07 14.77
N VAL A 85 2.24 6.15 14.95
CA VAL A 85 1.32 6.06 13.81
C VAL A 85 1.56 7.24 12.86
N GLU A 86 1.79 8.44 13.40
CA GLU A 86 2.11 9.60 12.57
C GLU A 86 3.43 9.41 11.80
N THR A 87 4.46 8.85 12.47
CA THR A 87 5.75 8.58 11.83
C THR A 87 5.62 7.47 10.79
N VAL A 88 4.77 6.48 11.04
CA VAL A 88 4.43 5.50 10.01
C VAL A 88 3.87 6.19 8.77
N ARG A 89 3.04 7.24 8.98
CA ARG A 89 2.50 7.97 7.82
C ARG A 89 3.59 8.70 7.04
N GLU A 90 4.53 9.34 7.75
CA GLU A 90 5.65 10.02 7.08
C GLU A 90 6.59 9.02 6.40
N LEU A 91 6.80 7.84 6.99
CA LEU A 91 7.64 6.82 6.35
C LEU A 91 6.99 6.25 5.11
N THR A 92 5.65 6.18 5.09
CA THR A 92 4.94 5.70 3.90
C THR A 92 5.07 6.69 2.75
N GLU A 93 4.91 7.99 3.05
CA GLU A 93 5.08 8.99 2.00
C GLU A 93 6.54 9.11 1.57
N PHE A 94 7.48 9.01 2.51
CA PHE A 94 8.90 9.03 2.17
C PHE A 94 9.23 7.90 1.19
N ALA A 95 8.78 6.68 1.52
CA ALA A 95 9.03 5.50 0.71
C ALA A 95 8.45 5.63 -0.69
N LYS A 96 7.20 6.09 -0.79
CA LYS A 96 6.52 6.26 -2.07
C LYS A 96 7.16 7.36 -2.90
N SER A 97 7.94 8.26 -2.29
CA SER A 97 8.68 9.26 -3.06
C SER A 97 9.97 8.70 -3.63
N ILE A 98 10.31 7.46 -3.31
CA ILE A 98 11.45 6.77 -3.91
C ILE A 98 10.93 6.00 -5.13
N PRO A 99 11.23 6.45 -6.36
CA PRO A 99 10.60 5.80 -7.53
C PRO A 99 10.71 4.28 -7.53
N SER A 100 11.90 3.74 -7.21
CA SER A 100 12.04 2.28 -7.20
C SER A 100 11.16 1.62 -6.15
N PHE A 101 10.85 2.31 -5.04
CA PHE A 101 9.85 1.73 -4.14
C PHE A 101 8.47 1.72 -4.79
N SER A 102 8.07 2.84 -5.41
CA SER A 102 6.71 2.90 -5.97
C SER A 102 6.52 1.96 -7.16
N SER A 103 7.62 1.45 -7.75
CA SER A 103 7.54 0.48 -8.84
C SER A 103 7.16 -0.90 -8.33
N LEU A 104 7.41 -1.20 -7.05
CA LEU A 104 7.00 -2.48 -6.48
C LEU A 104 5.48 -2.57 -6.42
N PHE A 105 4.97 -3.80 -6.50
CA PHE A 105 3.54 -3.97 -6.32
C PHE A 105 3.13 -3.47 -4.94
N LEU A 106 1.89 -3.01 -4.87
CA LEU A 106 1.43 -2.36 -3.65
C LEU A 106 1.60 -3.29 -2.45
N ASN A 107 1.34 -4.60 -2.63
CA ASN A 107 1.46 -5.56 -1.54
C ASN A 107 2.90 -5.73 -1.07
N ASP A 108 3.88 -5.60 -1.96
CA ASP A 108 5.27 -5.60 -1.49
C ASP A 108 5.57 -4.31 -0.72
N GLN A 109 5.02 -3.19 -1.16
CA GLN A 109 5.18 -1.96 -0.40
C GLN A 109 4.69 -2.14 1.03
N VAL A 110 3.51 -2.71 1.19
CA VAL A 110 2.93 -2.90 2.53
C VAL A 110 3.80 -3.86 3.35
N THR A 111 4.34 -4.89 2.71
CA THR A 111 5.17 -5.85 3.45
C THR A 111 6.46 -5.22 3.96
N LEU A 112 7.07 -4.34 3.16
CA LEU A 112 8.28 -3.65 3.57
C LEU A 112 8.00 -2.64 4.69
N LEU A 113 6.92 -1.85 4.56
CA LEU A 113 6.57 -0.91 5.62
C LEU A 113 6.19 -1.64 6.91
N LYS A 114 5.41 -2.72 6.81
CA LYS A 114 4.99 -3.47 7.99
C LYS A 114 6.19 -3.88 8.84
N TYR A 115 7.20 -4.48 8.23
CA TYR A 115 8.32 -5.00 8.99
C TYR A 115 9.48 -4.02 9.07
N GLY A 116 9.43 -2.91 8.35
CA GLY A 116 10.53 -1.97 8.47
C GLY A 116 10.26 -0.68 9.24
N VAL A 117 9.00 -0.29 9.49
CA VAL A 117 8.81 1.07 10.03
C VAL A 117 9.36 1.18 11.44
N HIS A 118 9.21 0.15 12.27
CA HIS A 118 9.69 0.36 13.63
C HIS A 118 11.19 0.44 13.66
N GLU A 119 11.88 -0.42 12.90
CA GLU A 119 13.33 -0.25 12.79
C GLU A 119 13.66 1.18 12.38
N ALA A 120 12.94 1.71 11.39
CA ALA A 120 13.23 3.08 10.95
C ALA A 120 12.80 4.11 11.99
N ILE A 121 11.63 3.92 12.67
CA ILE A 121 11.23 4.83 13.74
C ILE A 121 12.35 4.96 14.78
N PHE A 122 12.89 3.83 15.22
CA PHE A 122 13.84 3.89 16.31
C PHE A 122 15.18 4.42 15.87
N ALA A 123 15.48 4.33 14.56
CA ALA A 123 16.68 4.98 14.05
C ALA A 123 16.51 6.51 14.05
N MET A 124 15.35 7.01 13.62
CA MET A 124 15.06 8.45 13.60
C MET A 124 14.89 9.04 15.01
N LEU A 125 14.44 8.23 15.96
CA LEU A 125 14.23 8.71 17.31
C LEU A 125 15.53 9.24 17.92
N ALA A 126 16.67 8.66 17.53
CA ALA A 126 17.95 9.16 18.06
C ALA A 126 18.09 10.65 17.81
N SER A 127 17.60 11.13 16.67
CA SER A 127 17.74 12.54 16.31
C SER A 127 17.10 13.49 17.34
N ILE A 128 16.08 13.06 18.07
CA ILE A 128 15.35 13.95 18.98
C ILE A 128 15.64 13.63 20.43
N VAL A 129 16.66 12.79 20.66
CA VAL A 129 16.95 12.23 21.97
C VAL A 129 18.30 12.76 22.41
N ASN A 130 18.42 13.12 23.69
CA ASN A 130 19.74 13.14 24.31
C ASN A 130 19.68 12.26 25.57
N LYS A 131 20.77 12.21 26.32
CA LYS A 131 20.84 11.31 27.46
C LYS A 131 19.80 11.66 28.54
N ASP A 132 19.22 12.88 28.50
CA ASP A 132 18.31 13.38 29.53
C ASP A 132 16.83 13.37 29.15
N GLY A 133 16.49 13.06 27.90
CA GLY A 133 15.09 13.03 27.51
C GLY A 133 14.96 13.22 26.01
N LEU A 134 13.74 13.57 25.58
CA LEU A 134 13.48 13.73 24.17
C LEU A 134 12.42 14.78 23.93
N LEU A 135 12.46 15.35 22.71
CA LEU A 135 11.50 16.35 22.28
C LEU A 135 10.16 15.72 21.95
N VAL A 136 9.09 16.45 22.24
CA VAL A 136 7.76 16.06 21.83
C VAL A 136 7.05 17.29 21.27
N ALA A 137 5.87 17.04 20.70
CA ALA A 137 5.01 18.07 20.09
C ALA A 137 5.80 19.03 19.20
N ASN A 138 6.45 18.45 18.19
CA ASN A 138 7.15 19.21 17.17
C ASN A 138 8.18 20.15 17.77
N GLY A 139 8.82 19.73 18.86
CA GLY A 139 9.83 20.54 19.50
C GLY A 139 9.33 21.50 20.57
N SER A 140 8.02 21.60 20.79
CA SER A 140 7.51 22.51 21.82
C SER A 140 7.68 21.96 23.24
N GLY A 141 7.83 20.63 23.37
CA GLY A 141 8.02 20.02 24.66
C GLY A 141 9.33 19.25 24.69
N PHE A 142 9.78 18.99 25.91
CA PHE A 142 10.90 18.10 26.18
C PHE A 142 10.49 17.24 27.35
N VAL A 143 10.43 15.92 27.15
CA VAL A 143 10.06 15.00 28.22
C VAL A 143 11.32 14.33 28.76
N THR A 144 11.48 14.39 30.09
CA THR A 144 12.72 13.93 30.71
C THR A 144 12.77 12.42 30.75
N ARG A 145 13.97 11.88 30.60
CA ARG A 145 14.15 10.45 30.69
C ARG A 145 13.83 9.96 32.09
N GLU A 146 14.20 10.76 33.11
CA GLU A 146 13.87 10.39 34.49
C GLU A 146 12.37 10.24 34.71
N PHE A 147 11.58 11.19 34.19
CA PHE A 147 10.15 10.97 34.22
C PHE A 147 9.79 9.65 33.53
N LEU A 148 10.23 9.43 32.27
CA LEU A 148 9.79 8.21 31.59
C LEU A 148 10.25 6.97 32.34
N ARG A 149 11.40 7.05 33.02
CA ARG A 149 11.83 5.95 33.88
C ARG A 149 10.87 5.73 35.05
N SER A 150 10.24 6.80 35.56
CA SER A 150 9.39 6.69 36.72
C SER A 150 8.04 6.06 36.38
N LEU A 151 7.82 5.71 35.12
CA LEU A 151 6.55 5.10 34.77
C LEU A 151 6.52 3.67 35.28
N ARG A 152 5.33 3.14 35.47
CA ARG A 152 5.24 1.80 35.98
C ARG A 152 5.49 0.81 34.84
N LYS A 153 6.11 -0.30 35.19
CA LYS A 153 6.22 -1.42 34.29
C LYS A 153 4.83 -1.81 33.79
N PRO A 154 4.74 -2.26 32.53
CA PRO A 154 5.83 -2.49 31.58
C PRO A 154 6.17 -1.29 30.69
N PHE A 155 5.60 -0.13 31.01
CA PHE A 155 5.73 1.01 30.12
C PHE A 155 7.11 1.65 30.20
N SER A 156 7.73 1.67 31.38
CA SER A 156 9.11 2.14 31.47
C SER A 156 10.09 1.13 30.83
N ASP A 157 9.77 -0.17 30.82
CA ASP A 157 10.70 -1.15 30.24
C ASP A 157 10.72 -1.09 28.72
N ILE A 158 9.61 -0.71 28.08
CA ILE A 158 9.53 -0.56 26.64
C ILE A 158 10.18 0.75 26.17
N ILE A 159 10.36 1.73 27.04
CA ILE A 159 10.91 3.03 26.69
C ILE A 159 12.43 3.07 26.85
N GLU A 160 12.94 2.65 28.01
CA GLU A 160 14.35 2.88 28.35
C GLU A 160 15.35 2.26 27.37
N PRO A 161 15.14 1.07 26.83
CA PRO A 161 16.10 0.55 25.83
C PRO A 161 16.27 1.47 24.62
N LYS A 162 15.23 2.21 24.24
CA LYS A 162 15.39 3.08 23.09
C LYS A 162 16.38 4.21 23.36
N PHE A 163 16.44 4.71 24.61
CA PHE A 163 17.45 5.71 24.96
C PHE A 163 18.86 5.14 24.90
N GLU A 164 19.04 3.92 25.40
CA GLU A 164 20.36 3.29 25.33
C GLU A 164 20.84 3.20 23.89
N PHE A 165 19.99 2.72 22.98
CA PHE A 165 20.37 2.65 21.58
C PHE A 165 20.62 4.04 21.00
N ALA A 166 19.80 5.01 21.38
CA ALA A 166 19.85 6.32 20.76
C ALA A 166 21.15 7.05 21.09
N VAL A 167 21.60 6.98 22.34
CA VAL A 167 22.80 7.71 22.72
C VAL A 167 24.02 7.13 22.02
N LYS A 168 24.13 5.80 21.94
CA LYS A 168 25.20 5.19 21.17
C LYS A 168 25.10 5.55 19.69
N PHE A 169 23.90 5.44 19.11
CA PHE A 169 23.72 5.82 17.71
C PHE A 169 24.19 7.26 17.47
N ASN A 170 23.82 8.19 18.37
CA ASN A 170 24.14 9.61 18.17
C ASN A 170 25.64 9.89 18.20
N ALA A 171 26.42 8.98 18.78
CA ALA A 171 27.87 9.10 18.79
C ALA A 171 28.49 8.94 17.40
N LEU A 172 27.76 8.35 16.43
CA LEU A 172 28.23 8.29 15.03
C LEU A 172 28.16 9.64 14.31
N GLU A 173 27.43 10.60 14.86
CA GLU A 173 27.35 11.95 14.31
C GLU A 173 26.88 11.95 12.86
N LEU A 174 25.81 11.23 12.58
CA LEU A 174 25.23 11.29 11.24
C LEU A 174 24.42 12.57 11.09
N ASP A 175 24.41 13.12 9.88
CA ASP A 175 23.54 14.24 9.56
C ASP A 175 22.36 13.71 8.76
N ASP A 176 21.45 14.61 8.41
CA ASP A 176 20.18 14.19 7.79
C ASP A 176 20.38 13.48 6.47
N SER A 177 21.42 13.86 5.71
CA SER A 177 21.66 13.23 4.40
C SER A 177 22.16 11.80 4.57
N ASP A 178 23.01 11.56 5.57
CA ASP A 178 23.33 10.18 5.92
C ASP A 178 22.09 9.41 6.31
N LEU A 179 21.31 9.96 7.25
CA LEU A 179 20.14 9.26 7.74
C LEU A 179 19.16 8.95 6.62
N ALA A 180 19.01 9.86 5.63
CA ALA A 180 18.00 9.58 4.60
C ALA A 180 18.33 8.27 3.89
N LEU A 181 19.62 8.01 3.64
CA LEU A 181 19.99 6.79 2.91
C LEU A 181 19.90 5.58 3.83
N PHE A 182 20.22 5.77 5.11
CA PHE A 182 20.18 4.69 6.09
C PHE A 182 18.75 4.24 6.33
N ILE A 183 17.83 5.20 6.45
CA ILE A 183 16.40 4.87 6.54
C ILE A 183 15.93 4.13 5.29
N ALA A 184 16.25 4.68 4.10
CA ALA A 184 15.83 3.99 2.88
C ALA A 184 16.37 2.57 2.86
N ALA A 185 17.61 2.38 3.36
CA ALA A 185 18.21 1.05 3.41
C ALA A 185 17.46 0.11 4.36
N ILE A 186 16.96 0.63 5.49
CA ILE A 186 16.17 -0.18 6.42
C ILE A 186 14.85 -0.57 5.79
N ILE A 187 14.18 0.35 5.09
CA ILE A 187 12.85 0.04 4.56
C ILE A 187 12.96 -0.93 3.39
N LEU A 188 13.96 -0.75 2.53
CA LEU A 188 14.08 -1.58 1.32
C LEU A 188 14.94 -2.80 1.63
N CYS A 189 14.38 -3.65 2.48
CA CYS A 189 15.14 -4.77 3.00
C CYS A 189 14.62 -6.07 2.38
N GLY A 190 15.53 -6.83 1.74
CA GLY A 190 15.08 -8.03 1.04
C GLY A 190 14.66 -9.19 1.92
N ASP A 191 14.81 -9.11 3.24
CA ASP A 191 14.59 -10.24 4.15
C ASP A 191 13.17 -10.33 4.73
N ARG A 192 12.29 -9.38 4.45
CA ARG A 192 11.03 -9.34 5.20
C ARG A 192 10.15 -10.54 4.83
N PRO A 193 9.40 -11.10 5.80
CA PRO A 193 8.60 -12.29 5.50
C PRO A 193 7.49 -12.02 4.49
N GLY A 194 7.28 -12.99 3.59
CA GLY A 194 6.20 -12.90 2.62
C GLY A 194 6.44 -11.90 1.53
N LEU A 195 7.66 -11.40 1.42
CA LEU A 195 8.02 -10.52 0.33
C LEU A 195 7.87 -11.26 -0.99
N MET A 196 7.28 -10.58 -1.97
CA MET A 196 6.99 -11.21 -3.26
C MET A 196 8.18 -11.13 -4.21
N ASN A 197 8.55 -9.92 -4.64
CA ASN A 197 9.66 -9.74 -5.57
C ASN A 197 10.95 -9.49 -4.78
N VAL A 198 11.48 -10.57 -4.21
CA VAL A 198 12.69 -10.47 -3.39
C VAL A 198 13.88 -10.01 -4.22
N PRO A 199 14.16 -10.59 -5.40
CA PRO A 199 15.36 -10.16 -6.14
C PRO A 199 15.34 -8.69 -6.49
N ARG A 200 14.16 -8.18 -6.85
CA ARG A 200 14.03 -6.76 -7.16
C ARG A 200 14.30 -5.90 -5.92
N VAL A 201 13.75 -6.30 -4.76
CA VAL A 201 14.02 -5.56 -3.53
C VAL A 201 15.50 -5.64 -3.14
N GLU A 202 16.10 -6.83 -3.19
CA GLU A 202 17.51 -6.96 -2.84
C GLU A 202 18.41 -6.09 -3.73
N ALA A 203 18.09 -6.01 -5.02
CA ALA A 203 18.83 -5.12 -5.91
C ALA A 203 18.65 -3.66 -5.51
N ILE A 204 17.43 -3.26 -5.16
CA ILE A 204 17.25 -1.87 -4.72
C ILE A 204 18.07 -1.61 -3.45
N GLN A 205 17.94 -2.48 -2.46
CA GLN A 205 18.69 -2.33 -1.22
C GLN A 205 20.18 -2.19 -1.50
N ASP A 206 20.73 -3.09 -2.32
CA ASP A 206 22.15 -3.06 -2.61
C ASP A 206 22.56 -1.72 -3.21
N THR A 207 21.78 -1.22 -4.18
CA THR A 207 22.01 0.11 -4.73
C THR A 207 22.05 1.18 -3.63
N ILE A 208 21.09 1.13 -2.68
CA ILE A 208 21.08 2.11 -1.60
C ILE A 208 22.32 1.95 -0.73
N LEU A 209 22.69 0.70 -0.42
CA LEU A 209 23.92 0.49 0.36
C LEU A 209 25.15 1.05 -0.36
N ARG A 210 25.26 0.83 -1.68
CA ARG A 210 26.39 1.39 -2.42
C ARG A 210 26.36 2.90 -2.44
N ALA A 211 25.19 3.47 -2.72
CA ALA A 211 25.02 4.91 -2.56
C ALA A 211 25.45 5.34 -1.17
N LEU A 212 25.06 4.59 -0.14
CA LEU A 212 25.40 5.00 1.22
C LEU A 212 26.90 4.89 1.48
N GLU A 213 27.53 3.80 1.01
CA GLU A 213 28.96 3.66 1.21
C GLU A 213 29.72 4.79 0.52
N PHE A 214 29.30 5.17 -0.68
CA PHE A 214 29.92 6.32 -1.32
C PHE A 214 29.65 7.59 -0.52
N HIS A 215 28.39 7.80 -0.12
CA HIS A 215 28.06 9.07 0.52
C HIS A 215 28.88 9.28 1.77
N LEU A 216 29.14 8.21 2.52
CA LEU A 216 29.86 8.37 3.78
C LEU A 216 31.32 8.77 3.56
N GLN A 217 31.95 8.25 2.52
CA GLN A 217 33.37 8.56 2.35
C GLN A 217 33.57 9.99 1.86
N ALA A 218 32.55 10.57 1.25
CA ALA A 218 32.53 11.99 0.91
C ALA A 218 32.19 12.86 2.11
N ASN A 219 31.09 12.56 2.80
CA ASN A 219 30.57 13.42 3.87
C ASN A 219 31.35 13.25 5.17
N HIS A 220 31.88 12.05 5.45
CA HIS A 220 32.69 11.79 6.64
C HIS A 220 34.07 11.28 6.22
N PRO A 221 34.91 12.14 5.63
CA PRO A 221 36.17 11.66 5.05
C PRO A 221 37.11 11.04 6.07
N ASP A 222 37.04 11.45 7.33
CA ASP A 222 38.00 11.01 8.32
C ASP A 222 37.51 9.86 9.19
N ALA A 223 36.22 9.54 9.14
CA ALA A 223 35.65 8.49 9.98
C ALA A 223 35.81 7.15 9.29
N GLN A 224 36.68 6.30 9.84
CA GLN A 224 36.88 4.97 9.29
C GLN A 224 35.94 3.97 9.96
N TYR A 225 35.65 2.90 9.22
CA TYR A 225 34.81 1.81 9.69
C TYR A 225 33.36 2.25 9.93
N LEU A 226 33.00 3.46 9.49
CA LEU A 226 31.66 3.95 9.72
C LEU A 226 30.64 3.11 8.97
N PHE A 227 30.88 2.83 7.68
CA PHE A 227 29.94 1.99 6.94
C PHE A 227 29.70 0.64 7.61
N PRO A 228 30.72 -0.15 7.91
CA PRO A 228 30.44 -1.41 8.63
C PRO A 228 29.86 -1.21 10.02
N LYS A 229 30.11 -0.07 10.67
CA LYS A 229 29.44 0.22 11.93
C LYS A 229 27.94 0.40 11.73
N LEU A 230 27.57 1.13 10.66
CA LEU A 230 26.17 1.33 10.30
C LEU A 230 25.48 0.01 9.93
N LEU A 231 26.18 -0.88 9.19
CA LEU A 231 25.60 -2.20 8.95
C LEU A 231 25.31 -2.90 10.28
N GLN A 232 26.21 -2.76 11.25
CA GLN A 232 26.00 -3.36 12.54
C GLN A 232 24.81 -2.71 13.24
N LYS A 233 24.67 -1.38 13.13
CA LYS A 233 23.51 -0.70 13.71
C LYS A 233 22.21 -1.24 13.14
N MET A 234 22.17 -1.53 11.81
CA MET A 234 20.97 -2.14 11.24
C MET A 234 20.69 -3.51 11.87
N ALA A 235 21.75 -4.25 12.21
CA ALA A 235 21.49 -5.53 12.87
C ALA A 235 21.03 -5.32 14.31
N ASP A 236 21.61 -4.31 15.00
CA ASP A 236 21.14 -3.92 16.33
C ASP A 236 19.70 -3.43 16.32
N LEU A 237 19.31 -2.69 15.28
CA LEU A 237 17.93 -2.23 15.19
C LEU A 237 16.98 -3.39 15.01
N ARG A 238 17.41 -4.47 14.33
CA ARG A 238 16.50 -5.59 14.15
C ARG A 238 16.22 -6.25 15.48
N GLN A 239 17.25 -6.37 16.32
CA GLN A 239 17.09 -6.97 17.64
C GLN A 239 16.32 -6.04 18.58
N LEU A 240 16.60 -4.73 18.55
CA LEU A 240 15.81 -3.81 19.35
C LEU A 240 14.34 -3.92 19.01
N VAL A 241 14.01 -4.11 17.73
CA VAL A 241 12.60 -4.17 17.37
C VAL A 241 12.02 -5.54 17.68
N THR A 242 12.83 -6.61 17.65
CA THR A 242 12.33 -7.90 18.13
C THR A 242 11.94 -7.83 19.61
N GLU A 243 12.81 -7.25 20.46
CA GLU A 243 12.50 -7.11 21.87
C GLU A 243 11.34 -6.15 22.09
N HIS A 244 11.22 -5.12 21.25
CA HIS A 244 10.10 -4.20 21.38
C HIS A 244 8.79 -4.92 21.11
N ALA A 245 8.78 -5.80 20.08
CA ALA A 245 7.57 -6.53 19.73
C ALA A 245 7.19 -7.53 20.81
N GLN A 246 8.19 -8.17 21.43
CA GLN A 246 7.90 -9.03 22.57
C GLN A 246 7.30 -8.25 23.73
N MET A 247 7.82 -7.06 24.02
CA MET A 247 7.24 -6.22 25.07
C MET A 247 5.83 -5.78 24.71
N MET A 248 5.56 -5.52 23.42
CA MET A 248 4.21 -5.17 23.02
C MET A 248 3.24 -6.33 23.19
N GLN A 249 3.70 -7.56 22.99
CA GLN A 249 2.84 -8.72 23.22
C GLN A 249 2.45 -8.82 24.69
N ARG A 250 3.40 -8.57 25.60
CA ARG A 250 3.10 -8.63 27.02
C ARG A 250 2.08 -7.57 27.40
N ILE A 251 2.19 -6.36 26.83
CA ILE A 251 1.23 -5.28 27.11
C ILE A 251 -0.16 -5.68 26.61
N LYS A 252 -0.23 -6.24 25.41
CA LYS A 252 -1.49 -6.76 24.90
C LYS A 252 -2.09 -7.82 25.84
N LYS A 253 -1.24 -8.66 26.43
CA LYS A 253 -1.68 -9.75 27.31
C LYS A 253 -2.02 -9.31 28.72
N THR A 254 -1.27 -8.37 29.29
CA THR A 254 -1.41 -8.05 30.71
C THR A 254 -2.04 -6.69 30.97
N GLU A 255 -2.12 -5.82 29.96
CA GLU A 255 -2.65 -4.47 30.15
C GLU A 255 -3.94 -4.35 29.35
N THR A 256 -4.95 -5.09 29.80
CA THR A 256 -6.14 -5.31 28.99
C THR A 256 -6.98 -4.05 28.87
N GLU A 257 -6.93 -3.17 29.88
CA GLU A 257 -7.59 -1.88 29.77
C GLU A 257 -6.89 -0.92 28.80
N THR A 258 -5.70 -1.25 28.31
CA THR A 258 -4.94 -0.37 27.42
C THR A 258 -5.25 -0.70 25.96
N SER A 259 -5.67 0.29 25.19
CA SER A 259 -6.04 0.01 23.81
C SER A 259 -4.83 0.21 22.88
N LEU A 260 -4.82 -0.54 21.78
CA LEU A 260 -3.81 -0.39 20.74
C LEU A 260 -4.48 0.15 19.48
N HIS A 261 -3.91 1.24 18.94
CA HIS A 261 -4.36 1.79 17.68
C HIS A 261 -4.47 0.68 16.62
N PRO A 262 -5.49 0.72 15.74
CA PRO A 262 -5.74 -0.43 14.87
C PRO A 262 -4.61 -0.69 13.88
N LEU A 263 -3.92 0.37 13.42
CA LEU A 263 -2.81 0.21 12.49
C LEU A 263 -1.65 -0.51 13.15
N LEU A 264 -1.42 -0.28 14.45
CA LEU A 264 -0.41 -1.04 15.17
C LEU A 264 -0.88 -2.47 15.45
N GLN A 265 -2.18 -2.68 15.61
CA GLN A 265 -2.64 -4.07 15.69
C GLN A 265 -2.27 -4.85 14.44
N GLU A 266 -2.39 -4.23 13.25
CA GLU A 266 -2.03 -4.89 11.99
C GLU A 266 -0.54 -5.20 11.90
N ILE A 267 0.32 -4.25 12.30
CA ILE A 267 1.76 -4.49 12.24
C ILE A 267 2.17 -5.61 13.19
N TYR A 268 1.61 -5.64 14.40
CA TYR A 268 1.90 -6.68 15.40
C TYR A 268 0.99 -7.91 15.29
N LYS A 269 0.18 -8.02 14.24
CA LYS A 269 -0.80 -9.11 14.18
C LYS A 269 -0.12 -10.47 14.10
N ASP A 270 0.91 -10.59 13.27
CA ASP A 270 1.57 -11.87 13.06
C ASP A 270 2.32 -12.31 14.31
N ASP B 5 -18.15 18.95 -3.43
CA ASP B 5 -19.07 18.82 -4.55
C ASP B 5 -19.11 17.36 -5.01
N LEU B 6 -20.29 16.89 -5.45
CA LEU B 6 -20.46 15.49 -5.85
C LEU B 6 -20.12 15.26 -7.32
N LYS B 7 -20.67 16.07 -8.22
CA LYS B 7 -20.41 15.84 -9.64
C LYS B 7 -18.96 16.17 -10.00
N ALA B 8 -18.28 17.00 -9.22
CA ALA B 8 -16.83 17.10 -9.36
C ALA B 8 -16.14 15.83 -8.88
N PHE B 9 -16.63 15.27 -7.77
CA PHE B 9 -16.18 13.97 -7.32
C PHE B 9 -16.28 12.95 -8.45
N SER B 10 -17.42 12.94 -9.18
CA SER B 10 -17.58 12.00 -10.28
C SER B 10 -16.72 12.36 -11.48
N LYS B 11 -16.72 13.63 -11.87
CA LYS B 11 -15.84 14.04 -12.97
C LYS B 11 -14.41 13.63 -12.70
N HIS B 12 -13.98 13.70 -11.43
CA HIS B 12 -12.61 13.35 -11.10
C HIS B 12 -12.37 11.86 -11.31
N ILE B 13 -13.38 11.02 -11.02
CA ILE B 13 -13.28 9.58 -11.20
C ILE B 13 -13.30 9.20 -12.68
N TYR B 14 -14.07 9.91 -13.50
CA TYR B 14 -14.05 9.67 -14.94
C TYR B 14 -12.66 9.92 -15.52
N ASN B 15 -12.05 11.06 -15.17
CA ASN B 15 -10.74 11.41 -15.68
C ASN B 15 -9.71 10.35 -15.32
N ALA B 16 -9.81 9.81 -14.10
CA ALA B 16 -8.88 8.79 -13.65
C ALA B 16 -9.08 7.50 -14.42
N TYR B 17 -10.32 7.24 -14.83
CA TYR B 17 -10.63 6.11 -15.69
C TYR B 17 -10.06 6.30 -17.09
N LEU B 18 -10.29 7.46 -17.71
CA LEU B 18 -9.74 7.68 -19.05
C LEU B 18 -8.21 7.74 -19.01
N LYS B 19 -7.64 8.27 -17.94
CA LYS B 19 -6.20 8.35 -17.81
C LYS B 19 -5.54 6.99 -17.63
N ASN B 20 -6.16 6.03 -16.91
CA ASN B 20 -5.42 4.86 -16.49
C ASN B 20 -5.74 3.58 -17.25
N PHE B 21 -6.88 3.50 -17.92
CA PHE B 21 -7.16 2.30 -18.67
C PHE B 21 -6.79 2.53 -20.13
N ASN B 22 -6.27 1.49 -20.78
CA ASN B 22 -5.71 1.66 -22.12
C ASN B 22 -6.83 1.73 -23.16
N MET B 23 -7.74 0.77 -23.14
CA MET B 23 -8.93 0.81 -23.99
C MET B 23 -10.18 1.09 -23.18
N THR B 24 -11.02 1.99 -23.70
CA THR B 24 -12.38 2.27 -23.25
C THR B 24 -13.37 1.37 -23.97
N LYS B 25 -14.57 1.29 -23.39
CA LYS B 25 -15.68 0.58 -24.04
C LYS B 25 -16.02 1.20 -25.38
N LYS B 26 -15.88 2.53 -25.49
CA LYS B 26 -16.15 3.20 -26.76
C LYS B 26 -15.19 2.73 -27.85
N LYS B 27 -13.88 2.77 -27.59
CA LYS B 27 -12.92 2.23 -28.54
C LYS B 27 -13.20 0.77 -28.84
N ALA B 28 -13.43 -0.01 -27.78
CA ALA B 28 -13.69 -1.43 -27.94
C ALA B 28 -14.89 -1.69 -28.84
N ARG B 29 -15.97 -0.93 -28.66
CA ARG B 29 -17.20 -1.23 -29.40
C ARG B 29 -17.08 -0.82 -30.87
N SER B 30 -16.30 0.21 -31.17
CA SER B 30 -16.12 0.62 -32.54
C SER B 30 -15.23 -0.37 -33.30
N ILE B 31 -14.28 -1.01 -32.60
CA ILE B 31 -13.49 -2.09 -33.20
C ILE B 31 -14.37 -3.31 -33.43
N LEU B 32 -15.26 -3.63 -32.49
CA LEU B 32 -16.08 -4.82 -32.63
C LEU B 32 -17.15 -4.68 -33.71
N THR B 33 -17.38 -3.47 -34.22
CA THR B 33 -18.35 -3.28 -35.29
C THR B 33 -17.71 -2.74 -36.57
N GLY B 34 -17.01 -1.60 -36.51
CA GLY B 34 -16.37 -1.03 -37.68
C GLY B 34 -16.52 0.48 -37.80
N ALA B 40 -9.53 -4.15 -39.22
CA ALA B 40 -10.22 -5.23 -38.51
C ALA B 40 -9.21 -6.08 -37.76
N PRO B 41 -9.56 -6.47 -36.53
CA PRO B 41 -8.64 -7.29 -35.74
C PRO B 41 -8.44 -8.67 -36.37
N PHE B 42 -7.23 -9.18 -36.20
CA PHE B 42 -6.87 -10.52 -36.66
C PHE B 42 -7.58 -11.58 -35.82
N VAL B 43 -8.34 -12.46 -36.47
CA VAL B 43 -9.15 -13.42 -35.73
C VAL B 43 -8.32 -14.64 -35.36
N ILE B 44 -8.19 -14.90 -34.05
CA ILE B 44 -7.52 -16.11 -33.54
C ILE B 44 -8.60 -17.12 -33.21
N HIS B 45 -8.56 -18.29 -33.86
CA HIS B 45 -9.61 -19.26 -33.62
C HIS B 45 -9.11 -20.70 -33.66
N ASP B 46 -7.80 -20.92 -33.74
CA ASP B 46 -7.21 -22.25 -33.61
C ASP B 46 -5.73 -22.09 -33.31
N ILE B 47 -4.99 -23.20 -33.33
CA ILE B 47 -3.56 -23.18 -33.06
C ILE B 47 -2.81 -22.37 -34.13
N GLU B 48 -3.18 -22.54 -35.41
CA GLU B 48 -2.41 -21.91 -36.48
C GLU B 48 -2.52 -20.38 -36.39
N THR B 49 -3.74 -19.85 -36.41
CA THR B 49 -3.91 -18.42 -36.20
C THR B 49 -3.28 -17.94 -34.89
N LEU B 50 -3.37 -18.75 -33.83
CA LEU B 50 -2.71 -18.33 -32.59
C LEU B 50 -1.21 -18.24 -32.78
N TRP B 51 -0.61 -19.25 -33.44
CA TRP B 51 0.82 -19.18 -33.77
C TRP B 51 1.11 -17.95 -34.63
N GLN B 52 0.34 -17.74 -35.70
CA GLN B 52 0.49 -16.52 -36.49
C GLN B 52 0.34 -15.27 -35.61
N ALA B 53 -0.61 -15.26 -34.66
CA ALA B 53 -0.75 -14.06 -33.86
C ALA B 53 0.48 -13.84 -32.99
N GLU B 54 1.02 -14.92 -32.40
CA GLU B 54 2.20 -14.81 -31.51
C GLU B 54 3.42 -14.28 -32.24
N LYS B 55 3.32 -13.98 -33.51
CA LYS B 55 4.39 -13.40 -34.31
C LYS B 55 4.00 -12.11 -34.99
N GLY B 56 2.78 -12.02 -35.53
CA GLY B 56 2.28 -10.80 -36.15
C GLY B 56 1.69 -9.78 -35.18
N LEU B 57 1.60 -10.10 -33.89
CA LEU B 57 1.14 -9.13 -32.87
C LEU B 57 2.22 -8.90 -31.81
N LEU B 66 6.96 -14.38 -20.98
CA LEU B 66 6.15 -15.49 -20.49
C LEU B 66 7.01 -16.62 -19.89
N PRO B 67 6.34 -17.56 -19.23
CA PRO B 67 7.04 -18.75 -18.72
C PRO B 67 7.24 -19.76 -19.83
N PRO B 68 7.96 -20.85 -19.56
CA PRO B 68 8.21 -21.85 -20.60
C PRO B 68 6.93 -22.41 -21.18
N TYR B 69 6.98 -22.81 -22.45
CA TYR B 69 5.83 -23.37 -23.13
C TYR B 69 5.58 -24.80 -22.66
N LYS B 70 4.32 -25.22 -22.70
CA LYS B 70 3.97 -26.60 -22.31
C LYS B 70 2.85 -27.17 -23.19
N GLU B 71 1.88 -26.36 -23.58
CA GLU B 71 0.72 -26.84 -24.33
C GLU B 71 -0.25 -25.67 -24.54
N ILE B 72 -1.30 -25.93 -25.35
CA ILE B 72 -2.13 -24.88 -25.92
C ILE B 72 -3.04 -24.26 -24.84
N SER B 73 -3.84 -25.11 -24.19
CA SER B 73 -4.67 -24.67 -23.07
C SER B 73 -3.86 -23.87 -22.05
N VAL B 74 -2.64 -24.34 -21.73
CA VAL B 74 -1.84 -23.66 -20.72
C VAL B 74 -1.27 -22.37 -21.28
N HIS B 75 -0.84 -22.40 -22.53
CA HIS B 75 -0.37 -21.17 -23.12
C HIS B 75 -1.44 -20.08 -23.05
N VAL B 76 -2.69 -20.42 -23.40
CA VAL B 76 -3.76 -19.40 -23.38
C VAL B 76 -4.03 -18.94 -21.96
N PHE B 77 -3.99 -19.89 -21.00
CA PHE B 77 -4.08 -19.55 -19.59
C PHE B 77 -3.04 -18.50 -19.20
N TYR B 78 -1.79 -18.72 -19.60
CA TYR B 78 -0.72 -17.75 -19.33
C TYR B 78 -1.02 -16.39 -19.96
N ARG B 79 -1.68 -16.38 -21.12
CA ARG B 79 -2.05 -15.11 -21.72
C ARG B 79 -3.16 -14.42 -20.93
N CYS B 80 -4.07 -15.19 -20.34
CA CYS B 80 -5.12 -14.59 -19.48
C CYS B 80 -4.51 -13.99 -18.21
N GLN B 81 -3.56 -14.70 -17.60
CA GLN B 81 -2.81 -14.19 -16.45
C GLN B 81 -2.10 -12.86 -16.77
N CYS B 82 -1.41 -12.80 -17.92
CA CYS B 82 -0.71 -11.57 -18.27
CA CYS B 82 -0.72 -11.57 -18.30
C CYS B 82 -1.66 -10.38 -18.35
N THR B 83 -2.85 -10.58 -18.92
CA THR B 83 -3.79 -9.48 -19.05
C THR B 83 -4.37 -9.10 -17.69
N THR B 84 -4.67 -10.09 -16.83
CA THR B 84 -5.24 -9.76 -15.54
C THR B 84 -4.22 -9.05 -14.64
N VAL B 85 -2.96 -9.49 -14.64
CA VAL B 85 -1.94 -8.81 -13.84
C VAL B 85 -1.69 -7.40 -14.37
N GLU B 86 -1.70 -7.23 -15.71
CA GLU B 86 -1.67 -5.88 -16.26
C GLU B 86 -2.90 -5.06 -15.78
N THR B 87 -4.11 -5.65 -15.84
CA THR B 87 -5.29 -4.90 -15.46
C THR B 87 -5.26 -4.54 -13.97
N VAL B 88 -4.74 -5.44 -13.12
CA VAL B 88 -4.50 -5.12 -11.71
C VAL B 88 -3.64 -3.86 -11.57
N ARG B 89 -2.59 -3.77 -12.39
CA ARG B 89 -1.73 -2.58 -12.38
C ARG B 89 -2.51 -1.32 -12.77
N GLU B 90 -3.39 -1.42 -13.78
CA GLU B 90 -4.20 -0.28 -14.20
C GLU B 90 -5.23 0.08 -13.12
N LEU B 91 -5.80 -0.94 -12.46
CA LEU B 91 -6.78 -0.70 -11.39
C LEU B 91 -6.14 -0.02 -10.20
N THR B 92 -4.92 -0.43 -9.86
CA THR B 92 -4.19 0.19 -8.74
C THR B 92 -3.95 1.67 -8.99
N GLU B 93 -3.44 2.01 -10.18
CA GLU B 93 -3.25 3.43 -10.51
C GLU B 93 -4.59 4.16 -10.56
N PHE B 94 -5.63 3.51 -11.09
CA PHE B 94 -6.97 4.10 -11.10
C PHE B 94 -7.43 4.42 -9.68
N ALA B 95 -7.30 3.44 -8.78
CA ALA B 95 -7.73 3.60 -7.39
C ALA B 95 -6.95 4.72 -6.70
N LYS B 96 -5.61 4.71 -6.84
CA LYS B 96 -4.79 5.77 -6.26
C LYS B 96 -5.15 7.15 -6.84
N SER B 97 -5.64 7.21 -8.07
CA SER B 97 -6.10 8.47 -8.63
C SER B 97 -7.39 8.97 -8.00
N ILE B 98 -8.00 8.17 -7.12
CA ILE B 98 -9.16 8.62 -6.35
C ILE B 98 -8.64 9.18 -5.03
N PRO B 99 -8.64 10.51 -4.83
CA PRO B 99 -8.03 11.06 -3.60
C PRO B 99 -8.53 10.38 -2.34
N SER B 100 -9.84 10.12 -2.25
CA SER B 100 -10.37 9.40 -1.10
C SER B 100 -9.72 8.02 -0.94
N PHE B 101 -9.44 7.32 -2.05
CA PHE B 101 -8.74 6.04 -1.91
C PHE B 101 -7.34 6.25 -1.32
N SER B 102 -6.55 7.19 -1.87
CA SER B 102 -5.15 7.28 -1.45
C SER B 102 -4.97 7.82 -0.02
N SER B 103 -6.03 8.35 0.61
CA SER B 103 -5.97 8.79 2.00
C SER B 103 -6.07 7.63 3.00
N LEU B 104 -6.59 6.48 2.58
CA LEU B 104 -6.58 5.28 3.41
C LEU B 104 -5.14 4.82 3.66
N PHE B 105 -4.96 4.10 4.76
CA PHE B 105 -3.67 3.49 5.01
C PHE B 105 -3.36 2.47 3.91
N LEU B 106 -2.07 2.33 3.62
CA LEU B 106 -1.66 1.50 2.49
C LEU B 106 -2.22 0.10 2.62
N ASN B 107 -2.24 -0.45 3.85
CA ASN B 107 -2.75 -1.81 4.07
C ASN B 107 -4.23 -1.91 3.70
N ASP B 108 -5.03 -0.90 4.03
CA ASP B 108 -6.42 -0.92 3.56
C ASP B 108 -6.48 -0.84 2.03
N GLN B 109 -5.56 -0.10 1.42
CA GLN B 109 -5.53 -0.03 -0.03
C GLN B 109 -5.30 -1.43 -0.60
N VAL B 110 -4.32 -2.15 -0.06
CA VAL B 110 -4.03 -3.50 -0.56
C VAL B 110 -5.20 -4.44 -0.28
N THR B 111 -5.91 -4.21 0.82
CA THR B 111 -7.03 -5.10 1.14
C THR B 111 -8.18 -4.91 0.16
N LEU B 112 -8.46 -3.66 -0.21
CA LEU B 112 -9.50 -3.37 -1.19
C LEU B 112 -9.12 -3.90 -2.59
N LEU B 113 -7.86 -3.73 -3.01
CA LEU B 113 -7.43 -4.24 -4.31
C LEU B 113 -7.45 -5.77 -4.36
N LYS B 114 -6.96 -6.43 -3.31
CA LYS B 114 -6.89 -7.89 -3.31
C LYS B 114 -8.27 -8.52 -3.51
N TYR B 115 -9.29 -8.02 -2.80
CA TYR B 115 -10.62 -8.62 -2.90
C TYR B 115 -11.48 -7.94 -3.94
N GLY B 116 -11.07 -6.80 -4.49
CA GLY B 116 -11.92 -6.16 -5.50
C GLY B 116 -11.49 -6.24 -6.97
N VAL B 117 -10.23 -6.57 -7.28
CA VAL B 117 -9.79 -6.35 -8.65
C VAL B 117 -10.43 -7.37 -9.59
N HIS B 118 -10.61 -8.60 -9.15
CA HIS B 118 -11.20 -9.55 -10.08
C HIS B 118 -12.64 -9.18 -10.37
N GLU B 119 -13.38 -8.72 -9.36
CA GLU B 119 -14.73 -8.24 -9.64
C GLU B 119 -14.70 -7.12 -10.66
N ALA B 120 -13.78 -6.15 -10.51
CA ALA B 120 -13.69 -5.05 -11.48
C ALA B 120 -13.21 -5.55 -12.86
N ILE B 121 -12.19 -6.40 -12.90
CA ILE B 121 -11.73 -6.96 -14.18
C ILE B 121 -12.89 -7.61 -14.94
N PHE B 122 -13.66 -8.46 -14.29
CA PHE B 122 -14.73 -9.15 -15.01
C PHE B 122 -15.87 -8.23 -15.38
N ALA B 123 -16.02 -7.11 -14.66
CA ALA B 123 -16.98 -6.10 -15.10
C ALA B 123 -16.46 -5.38 -16.33
N MET B 124 -15.18 -4.99 -16.32
CA MET B 124 -14.56 -4.32 -17.47
C MET B 124 -14.38 -5.24 -18.68
N LEU B 125 -14.43 -6.56 -18.48
CA LEU B 125 -14.29 -7.50 -19.55
C LEU B 125 -15.45 -7.42 -20.53
N ALA B 126 -16.64 -7.05 -20.03
CA ALA B 126 -17.82 -6.92 -20.90
C ALA B 126 -17.56 -5.94 -22.03
N SER B 127 -16.86 -4.84 -21.74
CA SER B 127 -16.60 -3.83 -22.75
C SER B 127 -15.92 -4.40 -24.00
N ILE B 128 -15.04 -5.39 -23.83
CA ILE B 128 -14.30 -5.91 -24.98
C ILE B 128 -14.85 -7.25 -25.45
N VAL B 129 -16.01 -7.67 -24.94
CA VAL B 129 -16.58 -8.98 -25.23
C VAL B 129 -17.84 -8.82 -26.07
N ASN B 130 -18.06 -9.75 -27.02
CA ASN B 130 -19.42 -9.97 -27.49
C ASN B 130 -19.75 -11.45 -27.48
N LYS B 131 -20.88 -11.82 -28.11
CA LYS B 131 -21.33 -13.20 -28.09
C LYS B 131 -20.29 -14.13 -28.68
N ASP B 132 -19.46 -13.64 -29.60
CA ASP B 132 -18.58 -14.46 -30.42
C ASP B 132 -17.14 -14.53 -29.92
N GLY B 133 -16.75 -13.68 -28.99
CA GLY B 133 -15.38 -13.68 -28.52
C GLY B 133 -14.99 -12.32 -27.95
N LEU B 134 -13.68 -12.05 -27.98
CA LEU B 134 -13.23 -10.83 -27.34
C LEU B 134 -11.89 -10.37 -27.92
N LEU B 135 -11.64 -9.07 -27.74
CA LEU B 135 -10.44 -8.40 -28.21
C LEU B 135 -9.25 -8.70 -27.32
N VAL B 136 -8.08 -8.85 -27.95
CA VAL B 136 -6.82 -9.00 -27.25
C VAL B 136 -5.77 -8.13 -27.94
N ALA B 137 -4.62 -7.99 -27.30
CA ALA B 137 -3.52 -7.12 -27.76
C ALA B 137 -4.02 -5.75 -28.22
N ASN B 138 -4.76 -5.07 -27.35
CA ASN B 138 -5.16 -3.68 -27.57
C ASN B 138 -6.04 -3.53 -28.82
N GLY B 139 -6.93 -4.49 -29.05
CA GLY B 139 -7.76 -4.38 -30.23
C GLY B 139 -7.12 -4.95 -31.49
N SER B 140 -5.87 -5.39 -31.43
CA SER B 140 -5.19 -5.98 -32.60
C SER B 140 -5.70 -7.38 -32.92
N GLY B 141 -6.18 -8.10 -31.91
CA GLY B 141 -6.67 -9.44 -32.10
C GLY B 141 -8.11 -9.59 -31.62
N PHE B 142 -8.70 -10.68 -32.07
CA PHE B 142 -10.03 -11.09 -31.65
C PHE B 142 -9.93 -12.60 -31.48
N VAL B 143 -10.09 -13.09 -30.23
CA VAL B 143 -10.13 -14.53 -30.00
C VAL B 143 -11.57 -14.97 -29.93
N THR B 144 -11.85 -16.09 -30.59
CA THR B 144 -13.18 -16.61 -30.78
C THR B 144 -13.65 -17.36 -29.54
N ARG B 145 -14.94 -17.24 -29.24
CA ARG B 145 -15.47 -17.93 -28.08
C ARG B 145 -15.42 -19.44 -28.30
N GLU B 146 -15.72 -19.89 -29.52
CA GLU B 146 -15.65 -21.33 -29.85
C GLU B 146 -14.26 -21.88 -29.64
N PHE B 147 -13.23 -21.18 -30.14
CA PHE B 147 -11.87 -21.55 -29.79
C PHE B 147 -11.72 -21.70 -28.27
N LEU B 148 -12.06 -20.65 -27.53
CA LEU B 148 -11.87 -20.70 -26.08
C LEU B 148 -12.67 -21.83 -25.45
N ARG B 149 -13.85 -22.15 -26.01
CA ARG B 149 -14.60 -23.32 -25.56
C ARG B 149 -13.92 -24.63 -25.94
N SER B 150 -13.11 -24.64 -27.01
N SER B 150 -13.13 -24.62 -27.03
CA SER B 150 -12.46 -25.86 -27.45
CA SER B 150 -12.45 -25.83 -27.48
C SER B 150 -11.24 -26.20 -26.61
C SER B 150 -11.36 -26.26 -26.51
N LEU B 151 -10.89 -25.35 -25.65
CA LEU B 151 -9.77 -25.66 -24.77
C LEU B 151 -10.16 -26.79 -23.83
N ARG B 152 -9.16 -27.47 -23.32
CA ARG B 152 -9.42 -28.63 -22.49
C ARG B 152 -9.67 -28.17 -21.07
N LYS B 153 -10.65 -28.80 -20.43
CA LYS B 153 -10.95 -28.57 -19.02
C LYS B 153 -9.66 -28.69 -18.21
N PRO B 154 -9.57 -27.92 -17.13
CA PRO B 154 -10.62 -27.01 -16.67
C PRO B 154 -10.43 -25.58 -17.17
N PHE B 155 -9.64 -25.41 -18.23
CA PHE B 155 -9.37 -24.06 -18.73
C PHE B 155 -10.57 -23.50 -19.47
N SER B 156 -11.35 -24.36 -20.14
CA SER B 156 -12.61 -23.90 -20.71
C SER B 156 -13.67 -23.61 -19.64
N ASP B 157 -13.67 -24.34 -18.52
CA ASP B 157 -14.67 -24.11 -17.47
C ASP B 157 -14.52 -22.73 -16.83
N ILE B 158 -13.27 -22.29 -16.65
CA ILE B 158 -12.94 -21.02 -16.01
C ILE B 158 -13.20 -19.84 -16.94
N ILE B 159 -13.32 -20.05 -18.24
CA ILE B 159 -13.51 -18.98 -19.22
C ILE B 159 -14.99 -18.75 -19.53
N GLU B 160 -15.71 -19.81 -19.90
CA GLU B 160 -17.07 -19.67 -20.43
C GLU B 160 -18.00 -18.88 -19.50
N PRO B 161 -18.01 -19.12 -18.20
CA PRO B 161 -18.92 -18.32 -17.33
C PRO B 161 -18.74 -16.83 -17.52
N LYS B 162 -17.53 -16.34 -17.73
CA LYS B 162 -17.35 -14.89 -17.85
C LYS B 162 -18.08 -14.35 -19.09
N PHE B 163 -18.09 -15.11 -20.18
CA PHE B 163 -18.86 -14.68 -21.36
C PHE B 163 -20.34 -14.54 -21.05
N GLU B 164 -20.90 -15.49 -20.31
CA GLU B 164 -22.32 -15.45 -20.00
C GLU B 164 -22.66 -14.18 -19.25
N PHE B 165 -21.85 -13.85 -18.23
CA PHE B 165 -22.05 -12.62 -17.47
C PHE B 165 -21.94 -11.38 -18.36
N ALA B 166 -21.01 -11.40 -19.31
CA ALA B 166 -20.68 -10.19 -20.07
C ALA B 166 -21.81 -9.84 -21.06
N VAL B 167 -22.34 -10.83 -21.78
CA VAL B 167 -23.41 -10.53 -22.73
C VAL B 167 -24.60 -9.92 -21.99
N LYS B 168 -25.00 -10.52 -20.85
CA LYS B 168 -26.04 -9.92 -20.02
C LYS B 168 -25.65 -8.51 -19.56
N PHE B 169 -24.48 -8.37 -18.92
CA PHE B 169 -24.05 -7.05 -18.49
C PHE B 169 -24.13 -6.04 -19.63
N ASN B 170 -23.68 -6.42 -20.83
CA ASN B 170 -23.66 -5.49 -21.96
C ASN B 170 -25.05 -5.03 -22.37
N ALA B 171 -26.08 -5.80 -22.01
CA ALA B 171 -27.46 -5.44 -22.31
C ALA B 171 -27.93 -4.21 -21.54
N LEU B 172 -27.27 -3.88 -20.43
CA LEU B 172 -27.52 -2.63 -19.71
C LEU B 172 -27.06 -1.41 -20.50
N GLU B 173 -26.18 -1.58 -21.49
CA GLU B 173 -25.74 -0.47 -22.36
C GLU B 173 -25.11 0.67 -21.58
N LEU B 174 -24.19 0.34 -20.67
CA LEU B 174 -23.46 1.37 -19.97
C LEU B 174 -22.35 1.93 -20.85
N ASP B 175 -21.99 3.18 -20.61
CA ASP B 175 -20.85 3.76 -21.28
C ASP B 175 -19.73 3.99 -20.28
N ASP B 176 -18.64 4.53 -20.80
CA ASP B 176 -17.44 4.64 -19.99
C ASP B 176 -17.67 5.48 -18.72
N SER B 177 -18.54 6.50 -18.80
CA SER B 177 -18.73 7.35 -17.61
C SER B 177 -19.48 6.60 -16.53
N ASP B 178 -20.47 5.79 -16.93
CA ASP B 178 -21.11 4.86 -16.01
C ASP B 178 -20.11 3.91 -15.37
N LEU B 179 -19.40 3.16 -16.22
CA LEU B 179 -18.49 2.13 -15.73
C LEU B 179 -17.47 2.70 -14.75
N ALA B 180 -16.98 3.91 -15.03
CA ALA B 180 -15.92 4.45 -14.18
C ALA B 180 -16.41 4.49 -12.75
N LEU B 181 -17.65 4.90 -12.55
CA LEU B 181 -18.21 5.03 -11.19
C LEU B 181 -18.55 3.66 -10.63
N PHE B 182 -19.00 2.77 -11.51
CA PHE B 182 -19.33 1.40 -11.11
C PHE B 182 -18.08 0.66 -10.63
N ILE B 183 -16.95 0.88 -11.30
CA ILE B 183 -15.71 0.22 -10.91
C ILE B 183 -15.23 0.75 -9.56
N ALA B 184 -15.15 2.08 -9.44
CA ALA B 184 -14.75 2.68 -8.18
C ALA B 184 -15.60 2.13 -7.04
N ALA B 185 -16.89 1.88 -7.30
CA ALA B 185 -17.76 1.35 -6.24
C ALA B 185 -17.47 -0.11 -5.92
N ILE B 186 -16.98 -0.88 -6.89
CA ILE B 186 -16.55 -2.25 -6.59
C ILE B 186 -15.28 -2.25 -5.75
N ILE B 187 -14.35 -1.34 -6.04
N ILE B 187 -14.34 -1.35 -6.05
CA ILE B 187 -13.07 -1.29 -5.33
CA ILE B 187 -13.09 -1.33 -5.30
C ILE B 187 -13.26 -0.81 -3.90
C ILE B 187 -13.33 -0.86 -3.88
N LEU B 188 -14.10 0.21 -3.70
CA LEU B 188 -14.27 0.84 -2.39
C LEU B 188 -15.46 0.18 -1.72
N CYS B 189 -15.24 -1.05 -1.26
CA CYS B 189 -16.30 -1.87 -0.71
C CYS B 189 -16.04 -2.14 0.76
N GLY B 190 -16.99 -1.75 1.63
CA GLY B 190 -16.84 -1.86 3.08
C GLY B 190 -16.72 -3.27 3.64
N ASP B 191 -16.98 -4.30 2.84
CA ASP B 191 -17.21 -5.66 3.34
C ASP B 191 -15.99 -6.59 3.24
N ARG B 192 -14.86 -6.12 2.70
CA ARG B 192 -13.76 -7.06 2.43
C ARG B 192 -13.10 -7.53 3.73
N PRO B 193 -12.60 -8.76 3.76
CA PRO B 193 -12.01 -9.30 4.99
C PRO B 193 -10.76 -8.53 5.42
N GLY B 194 -10.64 -8.31 6.73
CA GLY B 194 -9.47 -7.68 7.32
C GLY B 194 -9.38 -6.20 7.12
N LEU B 195 -10.43 -5.59 6.59
CA LEU B 195 -10.47 -4.14 6.41
C LEU B 195 -10.32 -3.46 7.76
N MET B 196 -9.47 -2.44 7.81
CA MET B 196 -9.16 -1.77 9.07
C MET B 196 -10.15 -0.66 9.35
N ASN B 197 -10.22 0.34 8.47
CA ASN B 197 -11.12 1.49 8.63
C ASN B 197 -12.38 1.27 7.81
N VAL B 198 -13.19 0.32 8.28
CA VAL B 198 -14.47 0.03 7.64
C VAL B 198 -15.36 1.26 7.54
N PRO B 199 -15.54 2.07 8.60
CA PRO B 199 -16.52 3.18 8.49
C PRO B 199 -16.11 4.19 7.45
N ARG B 200 -14.80 4.44 7.29
CA ARG B 200 -14.36 5.39 6.27
C ARG B 200 -14.56 4.82 4.87
N VAL B 201 -14.17 3.55 4.66
CA VAL B 201 -14.44 2.90 3.36
C VAL B 201 -15.94 2.91 3.04
N GLU B 202 -16.78 2.48 3.99
CA GLU B 202 -18.24 2.46 3.77
C GLU B 202 -18.78 3.84 3.42
N ALA B 203 -18.26 4.88 4.08
CA ALA B 203 -18.62 6.26 3.73
C ALA B 203 -18.18 6.63 2.32
N ILE B 204 -16.94 6.28 1.95
CA ILE B 204 -16.54 6.53 0.56
C ILE B 204 -17.47 5.77 -0.39
N GLN B 205 -17.70 4.49 -0.11
CA GLN B 205 -18.51 3.68 -0.99
C GLN B 205 -19.88 4.31 -1.21
N ASP B 206 -20.51 4.75 -0.12
CA ASP B 206 -21.83 5.35 -0.24
C ASP B 206 -21.79 6.63 -1.08
N THR B 207 -20.73 7.42 -0.94
CA THR B 207 -20.60 8.62 -1.76
C THR B 207 -20.51 8.27 -3.26
N ILE B 208 -19.70 7.26 -3.60
CA ILE B 208 -19.63 6.80 -4.98
C ILE B 208 -21.00 6.32 -5.45
N LEU B 209 -21.66 5.50 -4.61
CA LEU B 209 -22.99 5.01 -4.99
C LEU B 209 -23.96 6.15 -5.22
N ARG B 210 -23.93 7.16 -4.35
CA ARG B 210 -24.82 8.29 -4.53
C ARG B 210 -24.47 9.06 -5.78
N ALA B 211 -23.18 9.27 -6.02
CA ALA B 211 -22.76 9.88 -7.28
C ALA B 211 -23.25 9.07 -8.47
N LEU B 212 -23.31 7.74 -8.34
CA LEU B 212 -23.67 6.88 -9.47
C LEU B 212 -25.16 6.93 -9.77
N GLU B 213 -25.99 6.94 -8.73
CA GLU B 213 -27.42 7.13 -8.92
C GLU B 213 -27.72 8.50 -9.54
N PHE B 214 -27.06 9.55 -9.04
CA PHE B 214 -27.18 10.87 -9.66
C PHE B 214 -26.79 10.80 -11.13
N HIS B 215 -25.65 10.17 -11.44
CA HIS B 215 -25.17 10.10 -12.82
C HIS B 215 -26.14 9.34 -13.71
N LEU B 216 -26.73 8.26 -13.20
CA LEU B 216 -27.53 7.40 -14.08
C LEU B 216 -28.80 8.10 -14.54
N GLN B 217 -29.47 8.84 -13.65
CA GLN B 217 -30.73 9.45 -14.07
C GLN B 217 -30.51 10.55 -15.09
N ALA B 218 -29.35 11.22 -15.04
CA ALA B 218 -28.99 12.20 -16.05
C ALA B 218 -28.52 11.54 -17.35
N ASN B 219 -27.58 10.58 -17.27
CA ASN B 219 -27.02 9.99 -18.48
C ASN B 219 -27.95 8.95 -19.10
N HIS B 220 -28.85 8.35 -18.31
CA HIS B 220 -29.81 7.36 -18.78
C HIS B 220 -31.19 7.79 -18.30
N PRO B 221 -31.81 8.75 -18.98
CA PRO B 221 -33.00 9.40 -18.38
C PRO B 221 -34.23 8.51 -18.36
N ASP B 222 -34.43 7.71 -19.39
CA ASP B 222 -35.62 6.87 -19.51
C ASP B 222 -35.36 5.41 -19.20
N ALA B 223 -34.13 5.06 -18.82
CA ALA B 223 -33.80 3.70 -18.39
C ALA B 223 -34.03 3.62 -16.89
N GLN B 224 -35.16 3.07 -16.49
CA GLN B 224 -35.51 3.03 -15.08
C GLN B 224 -35.19 1.65 -14.50
N TYR B 225 -35.00 1.63 -13.18
CA TYR B 225 -34.57 0.45 -12.44
C TYR B 225 -33.09 0.14 -12.67
N LEU B 226 -32.38 1.01 -13.38
CA LEU B 226 -31.02 0.71 -13.76
C LEU B 226 -30.09 0.70 -12.54
N PHE B 227 -30.28 1.64 -11.62
CA PHE B 227 -29.47 1.64 -10.40
C PHE B 227 -29.69 0.39 -9.58
N PRO B 228 -30.91 0.01 -9.22
CA PRO B 228 -31.07 -1.28 -8.53
C PRO B 228 -30.57 -2.46 -9.35
N LYS B 229 -30.63 -2.39 -10.69
CA LYS B 229 -30.11 -3.47 -11.51
C LYS B 229 -28.61 -3.63 -11.30
N LEU B 230 -27.89 -2.49 -11.33
CA LEU B 230 -26.44 -2.46 -11.19
C LEU B 230 -25.98 -2.93 -9.81
N LEU B 231 -26.73 -2.57 -8.76
CA LEU B 231 -26.45 -3.11 -7.44
C LEU B 231 -26.51 -4.63 -7.45
N GLN B 232 -27.47 -5.20 -8.19
CA GLN B 232 -27.57 -6.65 -8.30
C GLN B 232 -26.37 -7.20 -9.09
N LYS B 233 -25.92 -6.48 -10.13
CA LYS B 233 -24.73 -6.92 -10.86
C LYS B 233 -23.53 -7.04 -9.95
N MET B 234 -23.37 -6.11 -8.98
CA MET B 234 -22.24 -6.19 -8.06
C MET B 234 -22.36 -7.41 -7.17
N ALA B 235 -23.60 -7.79 -6.82
CA ALA B 235 -23.77 -9.05 -6.11
C ALA B 235 -23.45 -10.22 -7.03
N ASP B 236 -23.89 -10.14 -8.30
CA ASP B 236 -23.59 -11.17 -9.31
C ASP B 236 -22.09 -11.34 -9.51
N LEU B 237 -21.35 -10.23 -9.55
CA LEU B 237 -19.91 -10.28 -9.66
C LEU B 237 -19.26 -10.93 -8.46
N ARG B 238 -19.82 -10.75 -7.27
CA ARG B 238 -19.20 -11.37 -6.10
C ARG B 238 -19.30 -12.88 -6.20
N GLN B 239 -20.44 -13.39 -6.67
CA GLN B 239 -20.61 -14.82 -6.88
C GLN B 239 -19.72 -15.31 -8.03
N LEU B 240 -19.71 -14.59 -9.15
CA LEU B 240 -18.82 -15.00 -10.23
C LEU B 240 -17.38 -15.13 -9.74
N VAL B 241 -16.94 -14.21 -8.87
CA VAL B 241 -15.55 -14.23 -8.44
C VAL B 241 -15.30 -15.37 -7.44
N THR B 242 -16.26 -15.66 -6.57
CA THR B 242 -16.13 -16.84 -5.69
C THR B 242 -15.96 -18.12 -6.51
N GLU B 243 -16.79 -18.28 -7.54
CA GLU B 243 -16.70 -19.45 -8.40
C GLU B 243 -15.38 -19.47 -9.15
N HIS B 244 -14.91 -18.29 -9.58
CA HIS B 244 -13.62 -18.24 -10.27
C HIS B 244 -12.48 -18.63 -9.33
N ALA B 245 -12.51 -18.14 -8.07
CA ALA B 245 -11.48 -18.49 -7.10
C ALA B 245 -11.48 -19.98 -6.82
N GLN B 246 -12.67 -20.59 -6.78
CA GLN B 246 -12.72 -22.03 -6.59
C GLN B 246 -12.06 -22.76 -7.75
N MET B 247 -12.46 -22.45 -8.99
CA MET B 247 -11.84 -23.04 -10.17
C MET B 247 -10.34 -22.81 -10.19
N MET B 248 -9.87 -21.64 -9.74
CA MET B 248 -8.43 -21.41 -9.72
C MET B 248 -7.73 -22.31 -8.71
N GLN B 249 -8.41 -22.66 -7.61
CA GLN B 249 -7.78 -23.55 -6.65
C GLN B 249 -7.68 -24.98 -7.19
N ARG B 250 -8.73 -25.46 -7.86
CA ARG B 250 -8.62 -26.77 -8.51
C ARG B 250 -7.43 -26.80 -9.45
N ILE B 251 -7.20 -25.72 -10.21
CA ILE B 251 -6.08 -25.67 -11.15
C ILE B 251 -4.75 -25.70 -10.42
N LYS B 252 -4.60 -24.86 -9.39
CA LYS B 252 -3.41 -24.91 -8.54
C LYS B 252 -3.15 -26.32 -8.02
N LYS B 253 -4.21 -27.09 -7.71
CA LYS B 253 -4.04 -28.44 -7.19
C LYS B 253 -3.83 -29.49 -8.27
N THR B 254 -4.60 -29.42 -9.35
CA THR B 254 -4.62 -30.48 -10.34
C THR B 254 -3.74 -30.21 -11.55
N GLU B 255 -3.31 -28.96 -11.76
CA GLU B 255 -2.48 -28.60 -12.91
C GLU B 255 -1.09 -28.21 -12.43
N THR B 256 -0.38 -29.18 -11.84
CA THR B 256 0.88 -28.88 -11.17
C THR B 256 1.94 -28.37 -12.13
N GLU B 257 1.84 -28.73 -13.42
CA GLU B 257 2.78 -28.20 -14.41
C GLU B 257 2.46 -26.77 -14.84
N THR B 258 1.39 -26.16 -14.33
CA THR B 258 0.99 -24.81 -14.73
C THR B 258 1.51 -23.80 -13.71
N SER B 259 2.24 -22.80 -14.18
CA SER B 259 2.68 -21.75 -13.28
C SER B 259 1.53 -20.80 -12.97
N LEU B 260 1.61 -20.19 -11.80
CA LEU B 260 0.73 -19.10 -11.42
C LEU B 260 1.58 -17.89 -11.10
N HIS B 261 1.29 -16.75 -11.75
CA HIS B 261 2.02 -15.52 -11.47
C HIS B 261 1.99 -15.21 -9.97
N PRO B 262 3.13 -14.85 -9.36
CA PRO B 262 3.15 -14.74 -7.90
C PRO B 262 2.19 -13.70 -7.35
N LEU B 263 1.89 -12.63 -8.11
CA LEU B 263 0.91 -11.65 -7.62
C LEU B 263 -0.48 -12.27 -7.53
N LEU B 264 -0.81 -13.20 -8.44
CA LEU B 264 -2.11 -13.88 -8.33
C LEU B 264 -2.10 -14.94 -7.22
N GLN B 265 -0.94 -15.58 -6.97
CA GLN B 265 -0.84 -16.43 -5.79
C GLN B 265 -1.13 -15.64 -4.51
N GLU B 266 -0.67 -14.39 -4.43
CA GLU B 266 -0.96 -13.56 -3.23
C GLU B 266 -2.45 -13.28 -3.09
N ILE B 267 -3.16 -13.05 -4.21
CA ILE B 267 -4.60 -12.78 -4.14
C ILE B 267 -5.37 -14.02 -3.74
N TYR B 268 -4.91 -15.19 -4.19
CA TYR B 268 -5.54 -16.49 -3.92
C TYR B 268 -4.80 -17.20 -2.79
N LYS B 269 -5.34 -17.15 -1.58
CA LYS B 269 -4.84 -17.96 -0.46
C LYS B 269 -5.57 -17.59 0.83
#